data_5O8U
#
_entry.id   5O8U
#
_cell.length_a   67.580
_cell.length_b   74.050
_cell.length_c   76.710
_cell.angle_alpha   90.00
_cell.angle_beta   90.00
_cell.angle_gamma   90.00
#
_symmetry.space_group_name_H-M   'P 21 21 21'
#
loop_
_entity.id
_entity.type
_entity.pdbx_description
1 polymer 'Mitogen-activated protein kinase 14'
2 non-polymer 4-[3-[7-azanyl-4-(2-phenylethylamino)quinazolin-2-yl]phenyl]butan-2-one
3 water water
#
_entity_poly.entity_id   1
_entity_poly.type   'polypeptide(L)'
_entity_poly.pdbx_seq_one_letter_code
;MSQERPTFYRQELNKTIWEVPERYQNLSPVGSGAYGSVCAAFDTKTGLRVAVKKLSRPFQSIIHAKRTYRELRLLKHMKH
ENVIGLLDVFTPARSLEEFNDVYLVTHLMGADLNNIVKCQKLTDDHVQFLIYQILRGLKYIHSADIIHRDLKPSNLAVNE
DCELKILDFGLARHTDDEMTGYVATRWYRAPEIMLNWMHYNQTVDIWSVGCIMAELLTGRTLFPGTDHIDQLKLILRLVG
TPGAELLKKISCESARNYIQSLTQMPKMNFANVFIGANPLAVDLLEKMLVLDSDKRITAAQALAHAYFAQYHDPDDEPVA
DPYDQSFESRDLLIDEWKSLTYDEVISFVPPPLDQEEMES
;
_entity_poly.pdbx_strand_id   A
#
loop_
_chem_comp.id
_chem_comp.type
_chem_comp.name
_chem_comp.formula
9O5 non-polymer 4-[3-[7-azanyl-4-(2-phenylethylamino)quinazolin-2-yl]phenyl]butan-2-one 'C26 H26 N4 O'
#
# COMPACT_ATOMS: atom_id res chain seq x y z
N ARG A 5 2.52 34.21 3.90
CA ARG A 5 2.96 33.18 4.90
C ARG A 5 1.91 33.09 6.00
N PRO A 6 1.54 31.87 6.44
CA PRO A 6 0.50 31.76 7.48
C PRO A 6 1.04 31.88 8.89
N THR A 7 0.10 31.95 9.82
CA THR A 7 0.42 32.14 11.20
C THR A 7 0.37 30.80 11.86
N PHE A 8 1.43 30.46 12.58
CA PHE A 8 1.55 29.16 13.21
C PHE A 8 1.25 29.30 14.67
N TYR A 9 1.06 28.15 15.33
CA TYR A 9 0.99 28.12 16.78
C TYR A 9 1.64 26.87 17.29
N ARG A 10 2.11 26.90 18.53
CA ARG A 10 2.86 25.78 19.12
C ARG A 10 2.04 25.08 20.18
N GLN A 11 2.34 23.82 20.46
CA GLN A 11 1.71 23.09 21.56
C GLN A 11 2.40 21.76 21.74
N GLU A 12 2.38 21.19 22.94
CA GLU A 12 3.09 19.92 23.20
C GLU A 12 2.10 18.77 23.37
N LEU A 13 2.34 17.66 22.70
CA LEU A 13 1.47 16.49 22.80
C LEU A 13 2.28 15.19 22.96
N ASN A 14 2.26 14.67 24.20
CA ASN A 14 2.93 13.41 24.58
C ASN A 14 4.43 13.51 24.35
N LYS A 15 5.00 14.59 24.89
CA LYS A 15 6.42 14.88 24.80
C LYS A 15 6.90 15.10 23.36
N THR A 16 6.09 15.81 22.58
CA THR A 16 6.44 16.20 21.20
C THR A 16 5.88 17.57 20.99
N ILE A 17 6.64 18.51 20.42
CA ILE A 17 6.08 19.85 20.14
C ILE A 17 5.54 19.90 18.70
N TRP A 18 4.33 20.42 18.53
CA TRP A 18 3.69 20.55 17.22
C TRP A 18 3.62 21.99 16.93
N GLU A 19 4.13 22.38 15.77
CA GLU A 19 4.06 23.74 15.31
C GLU A 19 3.36 23.81 13.96
N VAL A 20 2.12 24.28 13.95
CA VAL A 20 1.29 24.18 12.75
C VAL A 20 0.54 25.44 12.42
N PRO A 21 0.16 25.62 11.15
CA PRO A 21 -0.69 26.76 10.81
C PRO A 21 -2.06 26.71 11.50
N GLU A 22 -2.63 27.89 11.80
CA GLU A 22 -3.93 28.03 12.49
C GLU A 22 -5.09 27.39 11.75
N ARG A 23 -4.97 27.27 10.45
CA ARG A 23 -5.84 26.43 9.67
C ARG A 23 -6.23 25.10 10.37
N TYR A 24 -5.29 24.48 11.11
CA TYR A 24 -5.50 23.17 11.71
C TYR A 24 -5.75 23.26 13.20
N GLN A 25 -6.91 22.73 13.65
CA GLN A 25 -7.37 22.92 15.01
C GLN A 25 -7.68 21.60 15.64
N ASN A 26 -7.74 21.61 16.96
CA ASN A 26 -8.08 20.46 17.77
C ASN A 26 -7.16 19.30 17.48
N LEU A 27 -5.86 19.56 17.54
CA LEU A 27 -4.92 18.45 17.33
C LEU A 27 -5.12 17.41 18.40
N SER A 28 -5.32 16.17 17.96
CA SER A 28 -5.58 15.03 18.82
C SER A 28 -4.74 13.81 18.40
N PRO A 29 -3.80 13.36 19.24
CA PRO A 29 -2.95 12.25 18.85
C PRO A 29 -3.68 10.96 18.52
N VAL A 30 -3.24 10.28 17.46
CA VAL A 30 -3.81 8.99 17.03
C VAL A 30 -2.85 7.84 16.78
N GLY A 31 -1.55 8.01 17.04
CA GLY A 31 -0.53 6.99 16.67
C GLY A 31 0.90 7.52 16.52
N GLY A 36 7.03 8.72 11.72
CA GLY A 36 6.46 9.91 12.36
C GLY A 36 5.40 9.65 13.43
N SER A 37 4.90 10.73 14.01
CA SER A 37 3.74 10.69 14.94
C SER A 37 2.56 11.34 14.18
N VAL A 38 1.34 10.93 14.50
CA VAL A 38 0.18 11.39 13.76
C VAL A 38 -0.87 11.91 14.69
N CYS A 39 -1.40 13.08 14.33
CA CYS A 39 -2.50 13.74 15.03
C CYS A 39 -3.69 13.83 14.07
N ALA A 40 -4.91 13.60 14.59
CA ALA A 40 -6.12 14.03 13.92
C ALA A 40 -6.27 15.54 14.17
N ALA A 41 -6.76 16.28 13.19
CA ALA A 41 -7.05 17.70 13.30
C ALA A 41 -8.25 18.16 12.43
N PHE A 42 -8.75 19.34 12.76
CA PHE A 42 -9.81 19.96 11.98
C PHE A 42 -9.26 21.01 10.99
N ASP A 43 -9.51 20.77 9.70
CA ASP A 43 -9.10 21.70 8.69
C ASP A 43 -10.15 22.79 8.54
N THR A 44 -9.93 23.90 9.22
CA THR A 44 -10.93 24.97 9.20
C THR A 44 -11.22 25.46 7.80
N LYS A 45 -10.23 25.42 6.92
CA LYS A 45 -10.43 25.87 5.55
C LYS A 45 -11.44 25.02 4.74
N THR A 46 -11.59 23.73 5.08
CA THR A 46 -12.44 22.87 4.29
C THR A 46 -13.45 22.06 5.13
N GLY A 47 -13.51 22.31 6.43
CA GLY A 47 -14.31 21.48 7.27
C GLY A 47 -13.97 20.01 7.24
N LEU A 48 -12.82 19.63 6.69
CA LEU A 48 -12.39 18.23 6.71
C LEU A 48 -11.68 17.93 8.00
N ARG A 49 -11.84 16.70 8.47
CA ARG A 49 -11.00 16.10 9.45
C ARG A 49 -9.79 15.54 8.69
N VAL A 50 -8.60 15.75 9.25
CA VAL A 50 -7.35 15.40 8.56
C VAL A 50 -6.36 14.78 9.48
N ALA A 51 -5.42 14.07 8.88
CA ALA A 51 -4.30 13.51 9.65
C ALA A 51 -3.08 14.36 9.33
N VAL A 52 -2.43 14.84 10.39
CA VAL A 52 -1.22 15.62 10.31
C VAL A 52 -0.12 14.73 10.85
N LYS A 53 0.87 14.43 10.01
CA LYS A 53 1.99 13.60 10.40
C LYS A 53 3.21 14.47 10.53
N LYS A 54 3.80 14.50 11.72
CA LYS A 54 5.10 15.17 11.91
C LYS A 54 6.18 14.11 11.74
N LEU A 55 7.08 14.30 10.77
CA LEU A 55 8.09 13.27 10.49
C LEU A 55 9.15 13.20 11.62
N SER A 56 9.48 11.97 12.00
CA SER A 56 10.42 11.73 13.07
C SER A 56 11.89 11.96 12.64
N ARG A 57 12.44 13.13 13.02
CA ARG A 57 13.81 13.56 12.79
C ARG A 57 14.26 13.35 11.34
N PRO A 58 13.61 14.06 10.42
CA PRO A 58 13.80 13.76 9.01
C PRO A 58 15.21 13.94 8.42
N PHE A 59 16.04 14.79 9.00
CA PHE A 59 17.39 15.01 8.49
C PHE A 59 18.49 14.62 9.52
N GLN A 60 18.20 13.61 10.33
CA GLN A 60 19.16 13.09 11.29
C GLN A 60 20.40 12.52 10.60
N SER A 61 20.18 11.92 9.43
CA SER A 61 21.18 11.14 8.75
C SER A 61 20.88 11.10 7.26
N ILE A 62 21.84 10.62 6.47
CA ILE A 62 21.67 10.47 5.05
C ILE A 62 20.44 9.58 4.79
N ILE A 63 20.33 8.47 5.47
CA ILE A 63 19.23 7.54 5.24
C ILE A 63 17.92 8.16 5.69
N HIS A 64 17.89 8.91 6.79
CA HIS A 64 16.69 9.61 7.16
C HIS A 64 16.29 10.65 6.13
N ALA A 65 17.26 11.35 5.59
CA ALA A 65 17.03 12.45 4.69
C ALA A 65 16.53 11.92 3.32
N LYS A 66 17.11 10.86 2.83
CA LYS A 66 16.67 10.27 1.60
C LYS A 66 15.27 9.72 1.76
N ARG A 67 14.97 9.11 2.89
CA ARG A 67 13.62 8.63 3.13
C ARG A 67 12.63 9.75 3.17
N THR A 68 12.99 10.84 3.82
CA THR A 68 12.10 11.95 3.91
C THR A 68 11.72 12.48 2.54
N TYR A 69 12.72 12.65 1.70
CA TYR A 69 12.57 13.07 0.32
C TYR A 69 11.69 12.07 -0.45
N ARG A 70 12.00 10.79 -0.30
CA ARG A 70 11.28 9.70 -0.97
C ARG A 70 9.78 9.75 -0.64
N GLU A 71 9.48 9.84 0.64
CA GLU A 71 8.11 9.95 1.11
C GLU A 71 7.34 11.17 0.53
N LEU A 72 7.95 12.33 0.58
CA LEU A 72 7.34 13.52 0.08
C LEU A 72 7.08 13.49 -1.42
N ARG A 73 8.07 13.08 -2.20
CA ARG A 73 7.89 13.01 -3.64
C ARG A 73 6.76 12.09 -4.01
N LEU A 74 6.75 10.93 -3.39
CA LEU A 74 5.75 9.93 -3.68
C LEU A 74 4.33 10.43 -3.38
N LEU A 75 4.15 10.99 -2.20
CA LEU A 75 2.88 11.57 -1.83
C LEU A 75 2.49 12.73 -2.75
N LYS A 76 3.43 13.57 -3.15
CA LYS A 76 3.09 14.67 -4.05
C LYS A 76 2.63 14.15 -5.43
N HIS A 77 3.15 13.02 -5.83
CA HIS A 77 2.81 12.46 -7.14
C HIS A 77 1.41 11.79 -7.14
N MET A 78 1.01 11.19 -6.03
CA MET A 78 -0.21 10.38 -6.02
C MET A 78 -1.43 11.25 -6.05
N LYS A 79 -2.08 11.36 -7.21
CA LYS A 79 -3.32 12.05 -7.37
C LYS A 79 -4.41 11.10 -7.93
N HIS A 80 -5.11 10.41 -7.04
CA HIS A 80 -6.09 9.40 -7.46
C HIS A 80 -7.00 9.18 -6.27
N GLU A 81 -8.25 8.91 -6.52
CA GLU A 81 -9.28 8.78 -5.48
C GLU A 81 -9.01 7.62 -4.57
N ASN A 82 -8.49 6.50 -5.12
CA ASN A 82 -8.08 5.36 -4.28
C ASN A 82 -6.66 5.25 -3.75
N VAL A 83 -5.94 6.36 -3.69
CA VAL A 83 -4.61 6.37 -3.16
C VAL A 83 -4.50 7.60 -2.27
N ILE A 84 -4.03 7.40 -1.06
CA ILE A 84 -3.75 8.54 -0.22
C ILE A 84 -2.82 9.53 -0.92
N GLY A 85 -3.26 10.77 -0.93
CA GLY A 85 -2.50 11.85 -1.45
C GLY A 85 -2.26 12.89 -0.38
N LEU A 86 -1.67 13.99 -0.81
CA LEU A 86 -1.26 15.01 0.08
C LEU A 86 -2.19 16.22 -0.04
N LEU A 87 -2.89 16.53 1.03
CA LEU A 87 -3.66 17.77 1.13
C LEU A 87 -2.78 18.99 1.36
N ASP A 88 -1.70 18.84 2.09
CA ASP A 88 -0.80 19.95 2.42
C ASP A 88 0.48 19.43 3.03
N VAL A 89 1.52 20.23 2.87
CA VAL A 89 2.79 19.95 3.49
C VAL A 89 3.30 21.29 3.98
N PHE A 90 3.87 21.31 5.17
CA PHE A 90 4.50 22.55 5.65
C PHE A 90 5.60 22.31 6.65
N THR A 91 6.34 23.38 6.89
CA THR A 91 7.34 23.44 7.93
C THR A 91 7.22 24.80 8.63
N PRO A 92 7.43 24.84 9.95
CA PRO A 92 7.49 26.18 10.57
C PRO A 92 8.75 26.94 10.18
N ALA A 93 9.79 26.26 9.68
CA ALA A 93 11.00 26.96 9.23
C ALA A 93 10.74 28.08 8.20
N ARG A 94 11.39 29.22 8.36
CA ARG A 94 11.28 30.36 7.44
C ARG A 94 12.40 30.38 6.39
N SER A 95 13.41 29.54 6.59
CA SER A 95 14.54 29.40 5.65
C SER A 95 15.08 27.96 5.63
N LEU A 96 15.89 27.69 4.62
CA LEU A 96 16.55 26.40 4.50
C LEU A 96 17.47 26.18 5.72
N GLU A 97 18.11 27.27 6.18
CA GLU A 97 19.05 27.18 7.29
C GLU A 97 18.35 26.64 8.54
N GLU A 98 17.13 27.09 8.81
CA GLU A 98 16.43 26.56 9.98
C GLU A 98 15.48 25.39 9.68
N PHE A 99 15.50 24.88 8.45
CA PHE A 99 14.58 23.78 8.04
C PHE A 99 14.93 22.49 8.73
N ASN A 100 14.16 22.08 9.72
CA ASN A 100 14.45 20.83 10.41
C ASN A 100 13.24 19.93 10.75
N ASP A 101 12.05 20.29 10.29
CA ASP A 101 10.80 19.63 10.67
C ASP A 101 9.92 19.62 9.46
N VAL A 102 9.33 18.45 9.17
CA VAL A 102 8.40 18.29 8.10
C VAL A 102 7.03 17.74 8.58
N TYR A 103 5.97 18.43 8.20
CA TYR A 103 4.61 17.95 8.48
C TYR A 103 3.84 17.69 7.19
N LEU A 104 3.19 16.51 7.15
CA LEU A 104 2.42 16.05 6.00
C LEU A 104 0.91 15.94 6.41
N VAL A 105 0.05 16.46 5.57
CA VAL A 105 -1.36 16.50 5.86
C VAL A 105 -2.08 15.69 4.84
N THR A 106 -2.90 14.77 5.33
CA THR A 106 -3.73 13.92 4.42
C THR A 106 -5.15 13.76 4.97
N HIS A 107 -6.02 13.15 4.16
CA HIS A 107 -7.39 12.83 4.61
C HIS A 107 -7.31 11.94 5.82
N LEU A 108 -8.15 12.19 6.81
CA LEU A 108 -8.26 11.22 7.89
C LEU A 108 -9.37 10.24 7.49
N MET A 109 -9.06 8.98 7.30
CA MET A 109 -10.07 8.01 6.94
C MET A 109 -10.51 7.33 8.22
N GLY A 110 -11.78 6.95 8.31
CA GLY A 110 -12.30 6.37 9.55
C GLY A 110 -11.63 5.12 10.15
N ALA A 111 -11.30 4.17 9.30
CA ALA A 111 -11.04 2.82 9.75
C ALA A 111 -10.17 2.17 8.71
N ASP A 112 -9.85 0.90 8.91
CA ASP A 112 -9.10 0.15 7.93
C ASP A 112 -9.73 -1.20 7.74
N LEU A 113 -9.22 -1.91 6.76
CA LEU A 113 -9.87 -3.13 6.36
C LEU A 113 -9.73 -4.19 7.40
N ASN A 114 -8.73 -4.07 8.26
CA ASN A 114 -8.54 -5.04 9.28
C ASN A 114 -9.59 -4.83 10.35
N ASN A 115 -9.90 -3.58 10.67
CA ASN A 115 -11.00 -3.29 11.61
C ASN A 115 -12.30 -3.87 11.12
N ILE A 116 -12.62 -3.58 9.87
CA ILE A 116 -13.88 -4.00 9.24
C ILE A 116 -14.02 -5.52 9.28
N VAL A 117 -13.01 -6.19 8.73
CA VAL A 117 -13.03 -7.63 8.59
C VAL A 117 -13.09 -8.33 9.92
N LYS A 118 -12.47 -7.73 10.95
CA LYS A 118 -12.50 -8.31 12.27
C LYS A 118 -13.83 -8.07 12.93
N CYS A 119 -14.61 -7.14 12.42
CA CYS A 119 -15.86 -6.77 13.07
C CYS A 119 -17.16 -6.86 12.23
N GLN A 120 -17.18 -7.66 11.17
CA GLN A 120 -18.42 -7.86 10.39
C GLN A 120 -18.20 -8.86 9.26
N LYS A 121 -19.20 -9.70 8.97
CA LYS A 121 -19.18 -10.60 7.81
C LYS A 121 -19.61 -9.82 6.59
N LEU A 122 -18.72 -9.68 5.63
CA LEU A 122 -18.98 -8.93 4.42
C LEU A 122 -19.83 -9.70 3.43
N THR A 123 -20.64 -8.96 2.67
CA THR A 123 -21.37 -9.50 1.55
C THR A 123 -20.48 -9.45 0.33
N ASP A 124 -20.79 -10.34 -0.63
CA ASP A 124 -20.07 -10.41 -1.84
C ASP A 124 -20.09 -9.07 -2.54
N ASP A 125 -21.24 -8.42 -2.56
CA ASP A 125 -21.31 -7.10 -3.17
C ASP A 125 -20.30 -6.14 -2.59
N HIS A 126 -20.19 -6.16 -1.27
CA HIS A 126 -19.31 -5.24 -0.57
C HIS A 126 -17.85 -5.55 -0.88
N VAL A 127 -17.54 -6.84 -1.01
CA VAL A 127 -16.20 -7.30 -1.37
C VAL A 127 -15.84 -6.87 -2.75
N GLN A 128 -16.75 -7.05 -3.69
CA GLN A 128 -16.57 -6.51 -5.01
C GLN A 128 -16.15 -5.05 -5.01
N PHE A 129 -16.91 -4.23 -4.31
CA PHE A 129 -16.64 -2.80 -4.28
C PHE A 129 -15.23 -2.48 -3.70
N LEU A 130 -14.92 -3.08 -2.56
CA LEU A 130 -13.64 -2.91 -1.85
C LEU A 130 -12.45 -3.37 -2.67
N ILE A 131 -12.51 -4.61 -3.18
CA ILE A 131 -11.45 -5.13 -4.06
C ILE A 131 -11.36 -4.37 -5.34
N TYR A 132 -12.49 -4.01 -5.90
CA TYR A 132 -12.46 -3.17 -7.13
C TYR A 132 -11.62 -1.89 -6.88
N GLN A 133 -11.89 -1.26 -5.78
CA GLN A 133 -11.22 0.00 -5.47
C GLN A 133 -9.72 -0.17 -5.29
N ILE A 134 -9.32 -1.21 -4.56
CA ILE A 134 -7.92 -1.51 -4.40
C ILE A 134 -7.21 -1.65 -5.77
N LEU A 135 -7.83 -2.41 -6.67
CA LEU A 135 -7.29 -2.61 -8.00
C LEU A 135 -7.26 -1.38 -8.84
N ARG A 136 -8.20 -0.51 -8.63
CA ARG A 136 -8.26 0.72 -9.39
C ARG A 136 -7.07 1.57 -8.97
N GLY A 137 -6.84 1.67 -7.67
CA GLY A 137 -5.69 2.40 -7.15
C GLY A 137 -4.41 1.70 -7.54
N LEU A 138 -4.36 0.37 -7.46
CA LEU A 138 -3.19 -0.36 -7.96
C LEU A 138 -2.89 -0.12 -9.38
N LYS A 139 -3.90 0.00 -10.22
CA LYS A 139 -3.59 0.26 -11.61
C LYS A 139 -2.77 1.55 -11.81
N TYR A 140 -3.25 2.59 -11.16
CA TYR A 140 -2.64 3.90 -11.20
C TYR A 140 -1.19 3.82 -10.65
N ILE A 141 -1.02 3.26 -9.46
CA ILE A 141 0.33 3.07 -8.87
C ILE A 141 1.31 2.29 -9.76
N HIS A 142 0.83 1.17 -10.26
CA HIS A 142 1.62 0.42 -11.20
C HIS A 142 1.92 1.14 -12.47
N SER A 143 1.00 1.91 -12.99
CA SER A 143 1.28 2.68 -14.23
C SER A 143 2.40 3.74 -14.04
N ALA A 144 2.70 4.03 -12.79
CA ALA A 144 3.73 4.97 -12.45
C ALA A 144 5.05 4.27 -12.19
N ASP A 145 5.10 2.96 -12.44
CA ASP A 145 6.27 2.12 -12.23
C ASP A 145 6.62 2.04 -10.77
N ILE A 146 5.61 2.03 -9.95
CA ILE A 146 5.78 1.87 -8.52
C ILE A 146 5.17 0.52 -8.11
N ILE A 147 5.84 -0.16 -7.17
CA ILE A 147 5.34 -1.38 -6.57
C ILE A 147 5.06 -1.03 -5.12
N HIS A 148 3.90 -1.41 -4.60
CA HIS A 148 3.59 -1.12 -3.23
C HIS A 148 4.42 -1.98 -2.28
N ARG A 149 4.38 -3.31 -2.46
CA ARG A 149 5.21 -4.26 -1.69
C ARG A 149 4.72 -4.64 -0.31
N ASP A 150 3.81 -3.89 0.25
CA ASP A 150 3.43 -4.08 1.63
C ASP A 150 1.90 -4.04 1.78
N LEU A 151 1.16 -4.38 0.72
CA LEU A 151 -0.30 -4.32 0.79
C LEU A 151 -0.81 -5.27 1.82
N LYS A 152 -1.65 -4.76 2.72
CA LYS A 152 -2.31 -5.63 3.70
C LYS A 152 -3.52 -4.91 4.32
N PRO A 153 -4.39 -5.62 5.03
CA PRO A 153 -5.60 -4.95 5.43
C PRO A 153 -5.38 -3.62 6.17
N SER A 154 -4.38 -3.54 7.02
CA SER A 154 -4.12 -2.30 7.78
C SER A 154 -3.56 -1.14 6.93
N ASN A 155 -3.05 -1.44 5.75
CA ASN A 155 -2.65 -0.42 4.80
C ASN A 155 -3.74 0.09 3.88
N LEU A 156 -5.00 -0.31 4.11
CA LEU A 156 -6.13 0.07 3.28
C LEU A 156 -7.14 0.79 4.16
N ALA A 157 -7.41 2.06 3.88
CA ALA A 157 -8.26 2.86 4.78
C ALA A 157 -9.59 3.04 4.15
N VAL A 158 -10.64 3.02 4.95
CA VAL A 158 -11.96 3.14 4.44
C VAL A 158 -12.79 4.22 5.17
N ASN A 159 -13.60 4.99 4.44
CA ASN A 159 -14.60 5.86 5.08
C ASN A 159 -15.92 5.15 5.22
N GLU A 160 -16.86 5.81 5.89
CA GLU A 160 -18.15 5.21 6.28
C GLU A 160 -18.94 4.76 5.08
N ASP A 161 -18.77 5.45 3.95
CA ASP A 161 -19.28 5.02 2.66
C ASP A 161 -18.47 3.91 1.98
N CYS A 162 -17.53 3.32 2.69
CA CYS A 162 -16.69 2.29 2.07
C CYS A 162 -15.78 2.73 0.97
N GLU A 163 -15.54 4.02 0.86
CA GLU A 163 -14.57 4.47 -0.13
C GLU A 163 -13.18 4.13 0.40
N LEU A 164 -12.39 3.55 -0.47
CA LEU A 164 -11.14 2.96 -0.03
C LEU A 164 -10.00 3.76 -0.61
N LYS A 165 -8.95 3.93 0.18
CA LYS A 165 -7.66 4.50 -0.25
C LYS A 165 -6.50 3.65 0.22
N ILE A 166 -5.58 3.35 -0.69
CA ILE A 166 -4.36 2.66 -0.36
C ILE A 166 -3.36 3.60 0.36
N LEU A 167 -2.84 3.16 1.48
CA LEU A 167 -1.86 3.88 2.29
C LEU A 167 -0.45 3.31 2.06
N ASP A 168 0.52 4.15 2.44
CA ASP A 168 1.98 4.04 2.21
C ASP A 168 2.53 2.93 1.32
N TYR A 182 -1.42 -7.88 15.73
CA TYR A 182 -1.03 -7.23 14.50
C TYR A 182 -1.38 -8.09 13.28
N VAL A 183 -1.50 -7.37 12.19
CA VAL A 183 -1.74 -7.93 10.87
C VAL A 183 -0.31 -8.02 10.30
N ALA A 184 0.27 -9.22 10.39
CA ALA A 184 1.66 -9.47 9.92
C ALA A 184 1.80 -9.37 8.40
N THR A 185 2.85 -8.68 7.97
CA THR A 185 3.14 -8.50 6.55
C THR A 185 3.32 -9.78 5.79
N ARG A 186 4.04 -10.72 6.42
CA ARG A 186 4.37 -11.98 5.79
C ARG A 186 3.16 -12.74 5.23
N TRP A 187 2.00 -12.57 5.86
CA TRP A 187 0.80 -13.32 5.49
C TRP A 187 0.26 -12.92 4.15
N TYR A 188 0.63 -11.71 3.68
CA TYR A 188 0.21 -11.17 2.36
C TYR A 188 1.34 -11.15 1.29
N ARG A 189 2.50 -11.64 1.64
CA ARG A 189 3.72 -11.47 0.78
C ARG A 189 3.73 -12.49 -0.30
N ALA A 190 4.05 -12.10 -1.52
CA ALA A 190 4.08 -13.05 -2.64
C ALA A 190 5.16 -14.11 -2.45
N PRO A 191 4.91 -15.32 -2.93
CA PRO A 191 5.90 -16.34 -2.67
C PRO A 191 7.28 -16.03 -3.21
N GLU A 192 7.36 -15.33 -4.34
CA GLU A 192 8.66 -14.97 -4.87
C GLU A 192 9.45 -14.03 -3.98
N ILE A 193 8.76 -13.15 -3.22
CA ILE A 193 9.46 -12.34 -2.20
C ILE A 193 9.86 -13.18 -1.00
N MET A 194 9.06 -14.15 -0.63
CA MET A 194 9.39 -15.03 0.47
C MET A 194 10.63 -15.83 0.11
N LEU A 195 10.74 -16.24 -1.17
CA LEU A 195 11.91 -16.99 -1.62
C LEU A 195 13.05 -16.06 -1.92
N ASN A 196 12.84 -14.76 -1.84
CA ASN A 196 13.91 -13.77 -2.07
C ASN A 196 14.38 -13.51 -3.50
N TRP A 197 13.47 -13.61 -4.45
CA TRP A 197 13.78 -13.27 -5.83
C TRP A 197 14.13 -11.78 -5.99
N MET A 198 15.24 -11.49 -6.65
CA MET A 198 15.70 -10.09 -6.78
C MET A 198 15.01 -9.37 -7.90
N HIS A 199 14.34 -10.09 -8.79
CA HIS A 199 13.73 -9.44 -9.92
C HIS A 199 12.21 -9.58 -9.93
N TYR A 200 11.60 -9.51 -8.76
CA TYR A 200 10.13 -9.61 -8.72
C TYR A 200 9.49 -8.40 -9.38
N ASN A 201 8.24 -8.50 -9.78
CA ASN A 201 7.53 -7.45 -10.49
C ASN A 201 6.30 -6.88 -9.73
N GLN A 202 5.56 -6.05 -10.43
CA GLN A 202 4.39 -5.38 -9.88
C GLN A 202 3.34 -6.38 -9.42
N THR A 203 3.28 -7.56 -10.06
CA THR A 203 2.27 -8.55 -9.66
C THR A 203 2.42 -9.12 -8.28
N VAL A 204 3.51 -8.80 -7.58
CA VAL A 204 3.60 -9.17 -6.14
C VAL A 204 2.41 -8.53 -5.38
N ASP A 205 2.00 -7.31 -5.80
CA ASP A 205 0.85 -6.64 -5.21
C ASP A 205 -0.47 -7.38 -5.47
N ILE A 206 -0.57 -8.01 -6.62
CA ILE A 206 -1.74 -8.81 -6.98
C ILE A 206 -1.83 -9.97 -6.05
N TRP A 207 -0.74 -10.64 -5.76
CA TRP A 207 -0.77 -11.74 -4.84
C TRP A 207 -1.40 -11.21 -3.53
N SER A 208 -0.90 -10.08 -3.03
CA SER A 208 -1.47 -9.49 -1.81
C SER A 208 -2.96 -9.21 -1.89
N VAL A 209 -3.40 -8.68 -3.03
CA VAL A 209 -4.82 -8.48 -3.21
C VAL A 209 -5.61 -9.77 -3.16
N GLY A 210 -5.16 -10.81 -3.85
CA GLY A 210 -5.77 -12.16 -3.71
C GLY A 210 -5.90 -12.62 -2.26
N CYS A 211 -4.85 -12.39 -1.46
CA CYS A 211 -4.90 -12.84 -0.07
C CYS A 211 -5.83 -11.99 0.72
N ILE A 212 -5.86 -10.69 0.47
CA ILE A 212 -6.89 -9.81 1.09
C ILE A 212 -8.32 -10.20 0.68
N MET A 213 -8.56 -10.45 -0.58
CA MET A 213 -9.87 -10.82 -1.04
C MET A 213 -10.37 -12.09 -0.36
N ALA A 214 -9.53 -13.10 -0.30
CA ALA A 214 -9.87 -14.35 0.35
C ALA A 214 -10.32 -14.10 1.80
N GLU A 215 -9.55 -13.28 2.49
CA GLU A 215 -9.87 -12.98 3.87
C GLU A 215 -11.19 -12.20 4.04
N LEU A 216 -11.47 -11.30 3.10
CA LEU A 216 -12.73 -10.57 3.13
C LEU A 216 -13.92 -11.47 2.92
N LEU A 217 -13.75 -12.47 2.08
CA LEU A 217 -14.79 -13.41 1.79
C LEU A 217 -14.98 -14.46 2.85
N THR A 218 -13.99 -14.75 3.66
CA THR A 218 -14.10 -15.87 4.61
C THR A 218 -13.97 -15.43 6.06
N GLY A 219 -13.53 -14.20 6.30
CA GLY A 219 -13.30 -13.72 7.63
C GLY A 219 -12.07 -14.33 8.24
N ARG A 220 -11.25 -15.01 7.43
CA ARG A 220 -10.06 -15.68 7.90
C ARG A 220 -8.83 -15.30 7.11
N THR A 221 -7.74 -15.12 7.83
CA THR A 221 -6.43 -15.02 7.19
C THR A 221 -6.12 -16.23 6.32
N LEU A 222 -5.88 -16.03 5.03
CA LEU A 222 -5.68 -17.16 4.13
C LEU A 222 -4.41 -17.95 4.43
N PHE A 223 -3.31 -17.27 4.73
CA PHE A 223 -2.04 -17.97 4.96
C PHE A 223 -1.37 -17.44 6.24
N PRO A 224 -1.87 -17.82 7.42
CA PRO A 224 -1.26 -17.23 8.65
C PRO A 224 -0.01 -18.02 9.10
N GLY A 225 1.10 -17.88 8.36
CA GLY A 225 2.29 -18.62 8.72
C GLY A 225 2.91 -18.16 10.04
N THR A 226 3.50 -19.08 10.77
CA THR A 226 4.24 -18.76 12.00
C THR A 226 5.64 -18.22 11.72
N ASP A 227 6.20 -18.56 10.57
CA ASP A 227 7.53 -18.07 10.18
C ASP A 227 7.64 -18.24 8.69
N HIS A 228 8.79 -17.93 8.11
CA HIS A 228 8.90 -17.92 6.68
C HIS A 228 8.70 -19.29 6.06
N ILE A 229 9.18 -20.32 6.74
CA ILE A 229 9.04 -21.68 6.24
C ILE A 229 7.61 -22.13 6.25
N ASP A 230 6.94 -21.95 7.38
CA ASP A 230 5.52 -22.30 7.51
C ASP A 230 4.60 -21.52 6.51
N GLN A 231 4.92 -20.25 6.34
CA GLN A 231 4.24 -19.40 5.37
C GLN A 231 4.25 -20.05 4.00
N LEU A 232 5.41 -20.55 3.61
CA LEU A 232 5.52 -21.18 2.28
C LEU A 232 4.81 -22.52 2.29
N LYS A 233 4.90 -23.30 3.37
CA LYS A 233 4.15 -24.55 3.46
C LYS A 233 2.64 -24.29 3.22
N LEU A 234 2.11 -23.31 3.93
CA LEU A 234 0.70 -22.94 3.78
C LEU A 234 0.34 -22.57 2.35
N ILE A 235 1.23 -21.82 1.72
CA ILE A 235 1.02 -21.34 0.36
C ILE A 235 1.00 -22.51 -0.59
N LEU A 236 1.98 -23.39 -0.46
CA LEU A 236 2.14 -24.44 -1.46
C LEU A 236 1.04 -25.48 -1.33
N ARG A 237 0.52 -25.63 -0.12
CA ARG A 237 -0.66 -26.49 0.10
C ARG A 237 -1.86 -26.05 -0.76
N LEU A 238 -2.07 -24.74 -0.92
CA LEU A 238 -3.16 -24.26 -1.73
C LEU A 238 -2.90 -24.31 -3.22
N VAL A 239 -1.76 -23.75 -3.61
CA VAL A 239 -1.51 -23.49 -5.02
C VAL A 239 -0.74 -24.62 -5.71
N GLY A 240 -0.24 -25.59 -4.93
CA GLY A 240 0.57 -26.67 -5.46
C GLY A 240 2.06 -26.33 -5.57
N THR A 241 2.86 -27.36 -5.78
CA THR A 241 4.27 -27.15 -6.00
C THR A 241 4.58 -26.79 -7.48
N PRO A 242 5.69 -26.11 -7.73
CA PRO A 242 6.02 -25.63 -9.10
C PRO A 242 6.13 -26.73 -10.09
N GLY A 243 5.65 -26.52 -11.31
CA GLY A 243 5.90 -27.42 -12.39
C GLY A 243 7.21 -27.09 -13.08
N ALA A 244 7.48 -27.87 -14.12
CA ALA A 244 8.69 -27.78 -14.90
C ALA A 244 8.77 -26.41 -15.58
N GLU A 245 7.64 -25.86 -15.99
CA GLU A 245 7.61 -24.59 -16.72
C GLU A 245 8.15 -23.43 -15.87
N LEU A 246 7.90 -23.48 -14.57
CA LEU A 246 8.43 -22.47 -13.64
C LEU A 246 9.87 -22.82 -13.24
N LEU A 247 10.16 -24.09 -13.06
CA LEU A 247 11.51 -24.52 -12.65
C LEU A 247 12.58 -24.10 -13.66
N LYS A 248 12.25 -24.17 -14.94
CA LYS A 248 13.17 -23.76 -15.96
C LYS A 248 13.41 -22.26 -15.94
N LYS A 249 12.73 -21.50 -15.09
CA LYS A 249 12.94 -20.05 -15.00
C LYS A 249 13.72 -19.62 -13.77
N ILE A 250 14.08 -20.59 -12.95
CA ILE A 250 14.79 -20.31 -11.70
C ILE A 250 16.30 -20.28 -11.93
N SER A 251 16.92 -19.12 -11.72
CA SER A 251 18.29 -18.90 -12.15
C SER A 251 19.30 -19.43 -11.17
N CYS A 252 18.95 -19.54 -9.90
CA CYS A 252 19.90 -19.82 -8.88
C CYS A 252 19.69 -21.20 -8.25
N GLU A 253 20.82 -21.80 -7.91
CA GLU A 253 20.91 -23.18 -7.45
C GLU A 253 20.15 -23.39 -6.13
N SER A 254 20.27 -22.43 -5.21
CA SER A 254 19.63 -22.57 -3.89
C SER A 254 18.15 -22.71 -4.03
N ALA A 255 17.55 -21.85 -4.87
CA ALA A 255 16.11 -21.83 -5.05
C ALA A 255 15.69 -23.08 -5.79
N ARG A 256 16.49 -23.50 -6.76
CA ARG A 256 16.20 -24.78 -7.41
C ARG A 256 16.35 -25.96 -6.47
N ASN A 257 17.33 -25.94 -5.57
CA ASN A 257 17.48 -27.03 -4.61
C ASN A 257 16.26 -27.08 -3.68
N TYR A 258 15.81 -25.92 -3.21
CA TYR A 258 14.54 -25.88 -2.44
C TYR A 258 13.31 -26.43 -3.18
N ILE A 259 13.03 -25.88 -4.34
CA ILE A 259 11.90 -26.35 -5.10
C ILE A 259 11.98 -27.87 -5.29
N GLN A 260 13.12 -28.39 -5.72
CA GLN A 260 13.24 -29.83 -5.95
C GLN A 260 13.14 -30.68 -4.67
N SER A 261 13.42 -30.09 -3.51
CA SER A 261 13.14 -30.69 -2.21
C SER A 261 11.70 -31.09 -1.92
N LEU A 262 10.74 -30.33 -2.44
CA LEU A 262 9.39 -30.36 -1.87
C LEU A 262 8.60 -31.57 -2.30
N THR A 263 7.70 -31.99 -1.43
CA THR A 263 6.75 -33.03 -1.76
C THR A 263 5.83 -32.53 -2.86
N GLN A 264 5.95 -33.12 -4.06
CA GLN A 264 5.08 -32.79 -5.20
C GLN A 264 3.64 -32.65 -4.76
N MET A 265 3.09 -31.44 -4.79
CA MET A 265 1.71 -31.21 -4.35
C MET A 265 0.88 -30.64 -5.47
N PRO A 266 -0.33 -31.18 -5.62
CA PRO A 266 -1.22 -30.63 -6.62
C PRO A 266 -1.88 -29.35 -6.08
N LYS A 267 -2.22 -28.49 -7.01
CA LYS A 267 -3.02 -27.35 -6.73
C LYS A 267 -4.41 -27.80 -6.29
N MET A 268 -4.90 -27.25 -5.17
CA MET A 268 -6.32 -27.39 -4.80
C MET A 268 -7.24 -26.71 -5.82
N ASN A 269 -8.40 -27.29 -5.98
CA ASN A 269 -9.43 -26.62 -6.74
C ASN A 269 -10.03 -25.61 -5.74
N PHE A 270 -9.92 -24.33 -6.09
CA PHE A 270 -10.31 -23.26 -5.16
C PHE A 270 -11.77 -23.35 -4.81
N ALA A 271 -12.62 -23.86 -5.71
CA ALA A 271 -14.04 -24.07 -5.33
C ALA A 271 -14.19 -24.92 -4.04
N ASN A 272 -13.22 -25.77 -3.74
CA ASN A 272 -13.29 -26.62 -2.51
C ASN A 272 -12.73 -25.93 -1.31
N VAL A 273 -12.15 -24.77 -1.54
CA VAL A 273 -11.61 -23.97 -0.48
C VAL A 273 -12.58 -22.87 -0.08
N PHE A 274 -13.09 -22.14 -1.07
CA PHE A 274 -14.00 -20.99 -0.84
C PHE A 274 -15.38 -21.46 -1.18
N ILE A 275 -15.92 -22.32 -0.33
CA ILE A 275 -17.23 -22.96 -0.58
C ILE A 275 -18.34 -21.94 -0.45
N GLY A 276 -19.18 -21.84 -1.47
CA GLY A 276 -20.30 -20.89 -1.46
C GLY A 276 -19.97 -19.46 -1.87
N ALA A 277 -18.71 -19.17 -2.17
CA ALA A 277 -18.39 -17.87 -2.70
C ALA A 277 -18.94 -17.86 -4.08
N ASN A 278 -19.15 -16.65 -4.55
CA ASN A 278 -19.49 -16.38 -5.90
C ASN A 278 -18.45 -17.04 -6.80
N PRO A 279 -18.86 -17.89 -7.76
CA PRO A 279 -17.84 -18.52 -8.58
C PRO A 279 -17.02 -17.57 -9.44
N LEU A 280 -17.47 -16.34 -9.66
CA LEU A 280 -16.62 -15.36 -10.34
C LEU A 280 -15.55 -14.83 -9.39
N ALA A 281 -15.89 -14.71 -8.12
CA ALA A 281 -14.86 -14.45 -7.09
C ALA A 281 -13.82 -15.56 -7.04
N VAL A 282 -14.28 -16.80 -7.12
CA VAL A 282 -13.37 -17.90 -7.12
C VAL A 282 -12.45 -17.84 -8.35
N ASP A 283 -13.02 -17.56 -9.50
CA ASP A 283 -12.27 -17.54 -10.71
C ASP A 283 -11.15 -16.47 -10.61
N LEU A 284 -11.50 -15.31 -10.04
CA LEU A 284 -10.58 -14.22 -9.92
C LEU A 284 -9.50 -14.61 -9.00
N LEU A 285 -9.86 -15.18 -7.84
CA LEU A 285 -8.82 -15.65 -6.94
C LEU A 285 -7.86 -16.63 -7.63
N GLU A 286 -8.38 -17.53 -8.45
CA GLU A 286 -7.51 -18.49 -9.16
C GLU A 286 -6.47 -17.74 -10.04
N LYS A 287 -6.84 -16.56 -10.49
CA LYS A 287 -6.04 -15.80 -11.44
C LYS A 287 -5.04 -14.90 -10.72
N MET A 288 -5.33 -14.58 -9.46
CA MET A 288 -4.49 -13.78 -8.61
C MET A 288 -3.46 -14.59 -7.91
N LEU A 289 -3.91 -15.72 -7.36
CA LEU A 289 -3.08 -16.49 -6.51
C LEU A 289 -2.42 -17.63 -7.34
N VAL A 290 -1.68 -17.20 -8.38
CA VAL A 290 -0.85 -18.03 -9.20
C VAL A 290 0.55 -17.92 -8.71
N LEU A 291 1.14 -19.08 -8.42
CA LEU A 291 2.52 -19.23 -7.94
C LEU A 291 3.54 -18.52 -8.83
N ASP A 292 3.44 -18.75 -10.13
CA ASP A 292 4.32 -18.15 -11.14
C ASP A 292 3.88 -16.72 -11.45
N SER A 293 4.65 -15.71 -11.03
CA SER A 293 4.22 -14.32 -11.23
C SER A 293 4.12 -13.92 -12.66
N ASP A 294 4.84 -14.58 -13.54
CA ASP A 294 4.72 -14.34 -14.95
C ASP A 294 3.33 -14.66 -15.44
N LYS A 295 2.61 -15.57 -14.77
CA LYS A 295 1.25 -15.92 -15.19
C LYS A 295 0.14 -15.29 -14.29
N ARG A 296 0.50 -14.34 -13.45
CA ARG A 296 -0.45 -13.69 -12.54
C ARG A 296 -1.13 -12.53 -13.25
N ILE A 297 -2.44 -12.43 -13.06
CA ILE A 297 -3.20 -11.38 -13.71
C ILE A 297 -2.71 -9.99 -13.22
N THR A 298 -2.74 -8.99 -14.08
CA THR A 298 -2.33 -7.60 -13.71
C THR A 298 -3.53 -6.89 -13.15
N ALA A 299 -3.30 -5.72 -12.56
CA ALA A 299 -4.41 -4.93 -12.03
C ALA A 299 -5.38 -4.50 -13.13
N ALA A 300 -4.84 -4.01 -14.23
CA ALA A 300 -5.65 -3.59 -15.38
C ALA A 300 -6.55 -4.74 -15.85
N GLN A 301 -5.95 -5.92 -16.04
CA GLN A 301 -6.69 -7.09 -16.47
C GLN A 301 -7.75 -7.46 -15.44
N ALA A 302 -7.41 -7.41 -14.15
CA ALA A 302 -8.39 -7.76 -13.11
C ALA A 302 -9.59 -6.84 -13.04
N LEU A 303 -9.39 -5.58 -13.34
CA LEU A 303 -10.49 -4.63 -13.36
C LEU A 303 -11.55 -4.96 -14.42
N ALA A 304 -11.13 -5.57 -15.52
CA ALA A 304 -12.01 -5.98 -16.61
C ALA A 304 -12.58 -7.40 -16.42
N HIS A 305 -12.27 -8.06 -15.31
CA HIS A 305 -12.81 -9.36 -14.97
C HIS A 305 -14.31 -9.24 -14.65
N ALA A 306 -15.10 -10.27 -14.97
CA ALA A 306 -16.58 -10.17 -14.83
C ALA A 306 -17.03 -9.92 -13.41
N TYR A 307 -16.33 -10.49 -12.44
CA TYR A 307 -16.55 -10.16 -11.03
C TYR A 307 -16.82 -8.70 -10.70
N PHE A 308 -16.24 -7.76 -11.45
CA PHE A 308 -16.46 -6.35 -11.18
C PHE A 308 -17.37 -5.68 -12.19
N ALA A 309 -18.23 -6.45 -12.84
CA ALA A 309 -19.13 -5.92 -13.86
C ALA A 309 -19.97 -4.77 -13.33
N GLN A 310 -20.38 -4.80 -12.06
CA GLN A 310 -21.21 -3.70 -11.53
C GLN A 310 -20.44 -2.36 -11.41
N TYR A 311 -19.12 -2.43 -11.27
CA TYR A 311 -18.27 -1.25 -11.00
C TYR A 311 -17.34 -0.87 -12.13
N HIS A 312 -16.99 -1.81 -12.98
CA HIS A 312 -15.97 -1.54 -13.95
C HIS A 312 -16.42 -0.47 -14.90
N ASP A 313 -15.56 0.53 -15.10
CA ASP A 313 -15.70 1.48 -16.16
C ASP A 313 -14.32 1.90 -16.68
N PRO A 314 -13.95 1.45 -17.86
CA PRO A 314 -12.60 1.73 -18.36
C PRO A 314 -12.32 3.19 -18.67
N ASP A 315 -13.34 4.04 -18.75
CA ASP A 315 -13.07 5.47 -18.94
C ASP A 315 -12.88 6.20 -17.62
N ASP A 316 -13.07 5.54 -16.50
CA ASP A 316 -12.80 6.17 -15.19
C ASP A 316 -11.90 5.27 -14.31
N GLU A 317 -10.85 4.73 -14.94
CA GLU A 317 -9.79 3.92 -14.26
C GLU A 317 -8.47 4.51 -14.75
N PRO A 318 -8.10 5.71 -14.23
CA PRO A 318 -6.98 6.45 -14.80
C PRO A 318 -5.61 5.91 -14.47
N VAL A 319 -4.64 6.23 -15.35
CA VAL A 319 -3.25 5.91 -15.14
C VAL A 319 -2.56 7.20 -14.64
N ALA A 320 -1.36 7.08 -14.15
CA ALA A 320 -0.61 8.19 -13.56
C ALA A 320 0.39 8.75 -14.54
N ASP A 321 0.85 9.97 -14.29
CA ASP A 321 1.99 10.54 -15.01
C ASP A 321 3.23 9.75 -14.68
N PRO A 322 4.20 9.76 -15.58
CA PRO A 322 5.40 8.99 -15.25
C PRO A 322 6.11 9.58 -14.01
N TYR A 323 6.59 8.68 -13.16
CA TYR A 323 7.14 9.08 -11.87
C TYR A 323 8.65 8.93 -11.90
N ASP A 324 9.36 10.03 -11.75
CA ASP A 324 10.83 10.00 -11.80
C ASP A 324 11.43 9.51 -10.50
N GLN A 325 11.90 8.28 -10.49
CA GLN A 325 12.52 7.63 -9.34
C GLN A 325 14.04 7.58 -9.50
N SER A 326 14.58 8.34 -10.45
CA SER A 326 16.05 8.33 -10.63
C SER A 326 16.84 8.73 -9.35
N PHE A 327 16.25 9.48 -8.41
CA PHE A 327 16.96 9.85 -7.18
C PHE A 327 17.33 8.59 -6.32
N GLU A 328 16.57 7.53 -6.45
CA GLU A 328 16.84 6.30 -5.73
C GLU A 328 18.26 5.79 -5.97
N SER A 329 18.74 5.98 -7.17
CA SER A 329 20.07 5.54 -7.47
C SER A 329 21.16 6.59 -7.20
N ARG A 330 20.82 7.73 -6.59
CA ARG A 330 21.81 8.75 -6.29
C ARG A 330 22.39 8.64 -4.87
N ASP A 331 23.65 9.04 -4.73
CA ASP A 331 24.32 9.07 -3.42
C ASP A 331 24.70 10.50 -3.11
N LEU A 332 23.90 11.13 -2.24
CA LEU A 332 24.02 12.55 -1.96
C LEU A 332 24.29 12.80 -0.50
N LEU A 333 24.71 14.01 -0.21
CA LEU A 333 24.99 14.46 1.16
C LEU A 333 23.67 14.75 1.90
N ILE A 334 23.69 14.78 3.23
CA ILE A 334 22.50 15.15 3.98
C ILE A 334 22.00 16.50 3.56
N ASP A 335 22.91 17.46 3.39
CA ASP A 335 22.47 18.78 3.08
C ASP A 335 21.77 18.77 1.73
N GLU A 336 22.23 17.91 0.84
CA GLU A 336 21.69 17.87 -0.50
C GLU A 336 20.29 17.24 -0.43
N TRP A 337 20.11 16.09 0.22
CA TRP A 337 18.77 15.54 0.39
C TRP A 337 17.83 16.55 1.07
N LYS A 338 18.33 17.22 2.12
CA LYS A 338 17.55 18.24 2.84
C LYS A 338 17.08 19.39 2.00
N SER A 339 17.97 19.94 1.19
CA SER A 339 17.65 21.03 0.31
C SER A 339 16.61 20.63 -0.75
N LEU A 340 16.78 19.45 -1.34
CA LEU A 340 15.85 18.89 -2.29
C LEU A 340 14.43 18.77 -1.68
N THR A 341 14.38 18.29 -0.44
CA THR A 341 13.12 18.22 0.32
C THR A 341 12.52 19.61 0.56
N TYR A 342 13.36 20.58 0.96
CA TYR A 342 12.91 21.92 1.11
C TYR A 342 12.28 22.44 -0.15
N ASP A 343 12.91 22.16 -1.29
CA ASP A 343 12.36 22.59 -2.52
C ASP A 343 10.99 22.01 -2.76
N GLU A 344 10.81 20.73 -2.48
CA GLU A 344 9.54 20.01 -2.72
C GLU A 344 8.42 20.58 -1.82
N VAL A 345 8.78 20.97 -0.60
CA VAL A 345 7.88 21.64 0.30
C VAL A 345 7.44 23.00 -0.22
N ILE A 346 8.41 23.85 -0.56
CA ILE A 346 8.13 25.19 -1.08
C ILE A 346 7.28 25.18 -2.36
N SER A 347 7.60 24.28 -3.27
CA SER A 347 6.90 24.17 -4.52
C SER A 347 5.53 23.46 -4.40
N PHE A 348 5.13 23.01 -3.23
CA PHE A 348 3.84 22.32 -3.15
C PHE A 348 2.64 23.19 -3.56
N VAL A 349 1.85 22.68 -4.50
CA VAL A 349 0.61 23.29 -4.97
C VAL A 349 -0.56 22.44 -4.43
N PRO A 350 -1.41 23.02 -3.56
CA PRO A 350 -2.52 22.23 -3.01
C PRO A 350 -3.50 21.71 -4.05
N PRO A 351 -4.18 20.61 -3.74
CA PRO A 351 -5.21 20.16 -4.67
C PRO A 351 -6.48 21.06 -4.56
N PRO A 352 -7.25 21.19 -5.66
CA PRO A 352 -8.40 22.13 -5.65
C PRO A 352 -9.50 21.76 -4.67
C4 9O5 B . 11.58 -16.61 -10.72
C5 9O5 B . 10.31 -16.86 -10.15
C6 9O5 B . 10.28 -17.20 -8.80
N1 9O5 B . 11.40 -17.28 -8.10
N3 9O5 B . 12.67 -16.71 -9.98
CAB 9O5 B . 17.86 -14.34 -9.24
CAC 9O5 B . 17.77 -14.64 -7.77
OAA 9O5 B . 17.26 -13.84 -6.96
CAD 9O5 B . 18.35 -16.00 -7.37
CAE 9O5 B . 17.51 -17.16 -7.81
CAO 9O5 B . 16.12 -17.05 -7.39
CAP 9O5 B . 15.03 -17.06 -8.28
CAN 9O5 B . 15.84 -17.00 -6.02
CAM 9O5 B . 14.51 -16.95 -5.59
CAL 9O5 B . 13.45 -16.96 -6.48
CAQ 9O5 B . 13.71 -17.04 -7.84
C2 9O5 B . 12.60 -17.02 -8.67
CBC 9O5 B . 11.68 -16.30 -12.06
CBD 9O5 B . 10.53 -16.24 -12.87
NAU 9O5 B . 10.68 -15.91 -14.16
CBE 9O5 B . 9.25 -16.50 -12.31
CAZ 9O5 B . 9.15 -16.81 -10.96
NAT 9O5 B . 9.14 -17.48 -8.18
CAS 9O5 B . 9.30 -18.43 -7.12
CAR 9O5 B . 8.05 -19.05 -6.83
CAK 9O5 B . 8.16 -20.00 -5.75
CAF 9O5 B . 8.29 -19.43 -4.50
CAG 9O5 B . 8.30 -20.24 -3.36
CAH 9O5 B . 8.19 -21.62 -3.49
CAI 9O5 B . 8.07 -22.20 -4.76
CAJ 9O5 B . 8.03 -21.39 -5.88
#